data_2DCU
#
_entry.id   2DCU
#
_cell.length_a   69.198
_cell.length_b   76.561
_cell.length_c   97.857
_cell.angle_alpha   90.00
_cell.angle_beta   90.00
_cell.angle_gamma   90.00
#
_symmetry.space_group_name_H-M   'P 21 21 21'
#
loop_
_entity.id
_entity.type
_entity.pdbx_description
1 polymer 'Translation initiation factor 2 gamma subunit'
2 polymer 'Translation initiation factor 2 beta subunit'
3 non-polymer 'MAGNESIUM ION'
4 non-polymer 'ZINC ION'
5 non-polymer "GUANOSINE-5'-DIPHOSPHATE"
6 water water
#
loop_
_entity_poly.entity_id
_entity_poly.type
_entity_poly.pdbx_seq_one_letter_code
_entity_poly.pdbx_strand_id
1 'polypeptide(L)'
;MGEKRKTRQAEVNIGMVGHVDHGKTTLTKALTGVWTDTHSEELRRGITIKIGFADAEIRRCSNCGRYSTSPICPYCGHET
EFIRRVSFIDSPGHEALMTTMLAGASLMDGAILVIAANEPCPRPQTREHLMALQIIGQKNIIIAQNKIELVDKEKALENY
RQIKEFIKGTVAENAPIIPISALHGANIDVLVKAIEEFIPTPKRDSNKPPKMLVLRSFDVNKPGTPPEKLVGGVLDGSIV
QGKLKVGDEIEIRPGVPYEEHGRIKYEPITTEIVSLQAGGQFVEEAYPGGLVGIGTKLDPYLTKGDLMAGNVVGKPGKLP
PVWTDLRLEVHLLERVVGTEQELNVEPIKRKEVLLLNVGTARTMGLVTALGKDEIELKLQIPVCAEPGERVAISRQIGSR
WRLIGYGIIKELEHHHHHH
;
A
2 'polypeptide(L)'
;MEIDYYDYEKLLEKAYQELPENVKHHKSRFEVPGALVTIEGNKTIIENFKDIADALNRDPQHLLKFLLREIATAGTLEGR
RVVLQGRFTPYLIANKLKKYIKEYVICPVCGSPDTKIIKRDRFHFLKCEACGAETPIQHLLEHHHHHH
;
B
#
loop_
_chem_comp.id
_chem_comp.type
_chem_comp.name
_chem_comp.formula
GDP RNA linking GUANOSINE-5'-DIPHOSPHATE 'C10 H15 N5 O11 P2'
MG non-polymer 'MAGNESIUM ION' 'Mg 2'
ZN non-polymer 'ZINC ION' 'Zn 2'
#
# COMPACT_ATOMS: atom_id res chain seq x y z
N LYS A 6 17.79 14.01 11.21
CA LYS A 6 16.53 13.86 10.42
C LYS A 6 15.45 13.06 11.18
N THR A 7 14.41 12.64 10.46
CA THR A 7 13.31 11.90 11.06
C THR A 7 13.28 10.42 10.69
N ARG A 8 12.50 9.66 11.46
CA ARG A 8 12.32 8.23 11.22
C ARG A 8 11.14 8.10 10.28
N GLN A 9 10.79 9.20 9.63
CA GLN A 9 9.68 9.22 8.70
C GLN A 9 9.96 8.25 7.56
N ALA A 10 8.94 8.01 6.73
CA ALA A 10 9.07 7.11 5.59
C ALA A 10 10.16 7.55 4.62
N GLU A 11 11.04 6.62 4.27
CA GLU A 11 12.14 6.91 3.37
C GLU A 11 11.92 6.55 1.90
N VAL A 12 10.97 5.67 1.62
CA VAL A 12 10.70 5.29 0.24
C VAL A 12 9.25 4.90 0.00
N ASN A 13 8.72 5.24 -1.18
CA ASN A 13 7.35 4.89 -1.52
C ASN A 13 7.34 3.61 -2.33
N ILE A 14 6.78 2.55 -1.76
CA ILE A 14 6.69 1.28 -2.47
C ILE A 14 5.29 1.14 -3.03
N GLY A 15 5.20 0.91 -4.34
CA GLY A 15 3.90 0.76 -4.95
C GLY A 15 3.42 -0.68 -4.92
N MET A 16 2.16 -0.87 -4.57
CA MET A 16 1.55 -2.19 -4.53
C MET A 16 0.82 -2.40 -5.85
N VAL A 17 1.42 -3.16 -6.76
CA VAL A 17 0.79 -3.41 -8.04
C VAL A 17 0.69 -4.89 -8.37
N GLY A 18 -0.33 -5.22 -9.16
CA GLY A 18 -0.59 -6.59 -9.54
C GLY A 18 -2.03 -6.67 -9.99
N HIS A 19 -2.55 -7.87 -10.24
CA HIS A 19 -3.95 -7.98 -10.67
C HIS A 19 -4.89 -7.40 -9.62
N VAL A 20 -6.16 -7.30 -9.97
CA VAL A 20 -7.15 -6.74 -9.06
C VAL A 20 -7.69 -7.70 -8.01
N ASP A 21 -7.07 -8.87 -7.87
CA ASP A 21 -7.54 -9.84 -6.87
C ASP A 21 -6.48 -10.76 -6.29
N HIS A 22 -5.26 -10.68 -6.79
CA HIS A 22 -4.20 -11.53 -6.29
C HIS A 22 -3.87 -11.25 -4.82
N GLY A 23 -4.33 -10.12 -4.31
CA GLY A 23 -4.09 -9.82 -2.90
C GLY A 23 -3.24 -8.62 -2.50
N LYS A 24 -3.15 -7.60 -3.34
CA LYS A 24 -2.34 -6.43 -3.00
C LYS A 24 -2.83 -5.72 -1.74
N THR A 25 -4.13 -5.50 -1.65
CA THR A 25 -4.72 -4.81 -0.50
C THR A 25 -4.63 -5.57 0.82
N THR A 26 -4.67 -6.90 0.76
CA THR A 26 -4.58 -7.71 1.97
C THR A 26 -3.20 -7.58 2.59
N LEU A 27 -2.18 -7.80 1.76
CA LEU A 27 -0.79 -7.74 2.18
C LEU A 27 -0.45 -6.37 2.74
N THR A 28 -1.00 -5.33 2.12
CA THR A 28 -0.75 -3.97 2.59
C THR A 28 -1.24 -3.81 4.03
N LYS A 29 -2.55 -4.00 4.24
CA LYS A 29 -3.13 -3.88 5.59
C LYS A 29 -2.34 -4.69 6.60
N ALA A 30 -2.12 -5.96 6.27
CA ALA A 30 -1.38 -6.87 7.13
C ALA A 30 -0.06 -6.27 7.61
N LEU A 31 0.61 -5.54 6.73
CA LEU A 31 1.90 -4.93 7.05
C LEU A 31 1.79 -3.54 7.64
N THR A 32 0.69 -2.84 7.36
CA THR A 32 0.55 -1.48 7.86
C THR A 32 -0.45 -1.30 8.99
N GLY A 33 -1.35 -2.26 9.17
CA GLY A 33 -2.35 -2.14 10.21
C GLY A 33 -1.86 -1.48 11.49
N VAL A 34 -0.79 -2.01 12.05
CA VAL A 34 -0.23 -1.51 13.30
C VAL A 34 0.44 -0.13 13.28
N TRP A 35 0.27 0.62 12.19
CA TRP A 35 0.88 1.95 12.14
C TRP A 35 -0.15 2.98 11.69
N THR A 36 -1.30 2.95 12.36
CA THR A 36 -2.40 3.85 12.08
C THR A 36 -3.15 4.13 13.38
N ASP A 37 -2.78 5.20 14.09
CA ASP A 37 -3.43 5.50 15.36
C ASP A 37 -4.59 6.47 15.45
N THR A 38 -4.48 7.68 14.90
CA THR A 38 -5.63 8.58 15.02
C THR A 38 -6.13 9.31 13.77
N HIS A 39 -7.43 9.15 13.59
CA HIS A 39 -8.25 9.67 12.51
C HIS A 39 -8.07 9.02 11.17
N SER A 40 -7.84 7.73 11.32
CA SER A 40 -7.66 6.81 10.23
C SER A 40 -7.69 5.41 10.79
N GLU A 41 -8.85 4.80 10.74
CA GLU A 41 -8.94 3.42 11.17
C GLU A 41 -8.08 2.92 9.99
N GLU A 42 -7.38 1.81 10.13
CA GLU A 42 -6.42 1.31 9.14
C GLU A 42 -6.35 1.35 7.61
N LEU A 43 -7.43 1.48 6.82
CA LEU A 43 -7.26 1.48 5.35
C LEU A 43 -8.41 2.11 4.50
N ARG A 44 -8.04 2.89 3.47
CA ARG A 44 -8.96 3.61 2.57
C ARG A 44 -8.28 4.05 1.22
N ARG A 45 -8.98 4.15 0.09
CA ARG A 45 -8.36 4.62 -1.19
C ARG A 45 -8.53 6.17 -1.42
N GLY A 46 -7.92 6.81 -2.45
CA GLY A 46 -7.96 8.29 -2.56
C GLY A 46 -8.76 9.43 -3.27
N ILE A 47 -8.08 10.55 -3.61
CA ILE A 47 -8.76 11.71 -4.27
C ILE A 47 -8.82 11.55 -5.80
N THR A 48 -8.17 12.35 -6.63
CA THR A 48 -8.35 11.98 -8.02
C THR A 48 -7.35 10.89 -8.37
N ILE A 49 -6.12 11.02 -7.94
CA ILE A 49 -5.23 9.90 -8.14
C ILE A 49 -5.75 9.17 -6.85
N LYS A 50 -6.72 8.26 -7.01
CA LYS A 50 -7.32 7.54 -5.85
C LYS A 50 -6.26 6.79 -5.05
N ILE A 51 -5.05 7.31 -5.15
CA ILE A 51 -3.87 6.79 -4.49
C ILE A 51 -4.01 6.86 -2.98
N GLY A 52 -3.48 5.83 -2.31
CA GLY A 52 -3.53 5.78 -0.86
C GLY A 52 -2.17 5.48 -0.27
N PHE A 53 -1.80 6.22 0.77
CA PHE A 53 -0.50 6.02 1.42
C PHE A 53 -0.58 5.32 2.76
N ALA A 54 0.12 4.19 2.86
CA ALA A 54 0.14 3.42 4.10
C ALA A 54 1.57 3.25 4.60
N ASP A 55 1.83 3.76 5.80
CA ASP A 55 3.16 3.67 6.41
C ASP A 55 3.36 2.36 7.15
N ALA A 56 4.62 1.95 7.27
CA ALA A 56 4.97 0.71 7.95
C ALA A 56 6.42 0.76 8.38
N GLU A 57 6.70 0.39 9.62
CA GLU A 57 8.07 0.42 10.11
C GLU A 57 8.73 -0.95 10.01
N ILE A 58 9.68 -1.07 9.09
CA ILE A 58 10.41 -2.31 8.91
C ILE A 58 11.34 -2.48 10.12
N ARG A 59 11.15 -3.55 10.87
CA ARG A 59 11.96 -3.80 12.06
C ARG A 59 12.65 -5.17 12.08
N ARG A 60 13.70 -5.31 12.89
CA ARG A 60 14.47 -6.54 13.00
C ARG A 60 14.46 -7.14 14.41
N CYS A 61 14.02 -8.39 14.53
CA CYS A 61 13.98 -9.05 15.84
C CYS A 61 15.40 -9.26 16.34
N SER A 62 15.72 -8.67 17.49
CA SER A 62 17.04 -8.78 18.07
C SER A 62 17.37 -10.19 18.59
N ASN A 63 16.33 -10.97 18.92
CA ASN A 63 16.55 -12.32 19.44
C ASN A 63 16.65 -13.42 18.40
N CYS A 64 15.68 -13.50 17.49
CA CYS A 64 15.72 -14.53 16.45
C CYS A 64 16.41 -14.01 15.20
N GLY A 65 16.42 -12.70 15.04
CA GLY A 65 17.08 -12.08 13.91
C GLY A 65 16.22 -11.93 12.66
N ARG A 66 14.92 -12.13 12.79
CA ARG A 66 14.02 -12.02 11.66
C ARG A 66 13.32 -10.66 11.52
N TYR A 67 12.94 -10.33 10.29
CA TYR A 67 12.28 -9.07 10.00
C TYR A 67 10.76 -9.19 9.97
N SER A 68 10.12 -8.08 10.30
CA SER A 68 8.67 -8.01 10.30
C SER A 68 8.30 -6.55 10.26
N THR A 69 7.00 -6.28 10.33
CA THR A 69 6.49 -4.92 10.32
C THR A 69 5.86 -4.65 11.68
N SER A 70 6.21 -5.49 12.65
CA SER A 70 5.64 -5.39 13.98
C SER A 70 6.61 -5.12 15.12
N PRO A 71 6.15 -4.38 16.15
CA PRO A 71 6.90 -4.00 17.35
C PRO A 71 7.35 -5.21 18.16
N ILE A 72 6.46 -6.20 18.32
CA ILE A 72 6.79 -7.40 19.06
C ILE A 72 6.97 -8.55 18.06
N CYS A 73 8.19 -9.12 18.00
CA CYS A 73 8.48 -10.21 17.09
C CYS A 73 7.31 -11.18 17.00
N PRO A 74 6.73 -11.33 15.81
CA PRO A 74 5.58 -12.23 15.62
C PRO A 74 5.85 -13.64 16.13
N TYR A 75 7.10 -14.08 16.02
CA TYR A 75 7.47 -15.43 16.42
C TYR A 75 7.95 -15.62 17.87
N CYS A 76 9.18 -15.21 18.17
CA CYS A 76 9.69 -15.38 19.53
C CYS A 76 8.96 -14.55 20.56
N GLY A 77 8.62 -13.31 20.21
CA GLY A 77 7.90 -12.46 21.15
C GLY A 77 8.67 -11.30 21.75
N HIS A 78 9.96 -11.21 21.44
CA HIS A 78 10.77 -10.12 21.98
C HIS A 78 10.54 -8.82 21.24
N GLU A 79 11.16 -7.76 21.75
CA GLU A 79 11.05 -6.43 21.16
C GLU A 79 11.91 -6.35 19.91
N THR A 80 11.37 -5.76 18.85
CA THR A 80 12.13 -5.62 17.61
C THR A 80 12.82 -4.26 17.58
N GLU A 81 13.69 -4.06 16.61
CA GLU A 81 14.41 -2.81 16.48
C GLU A 81 14.07 -2.09 15.18
N PHE A 82 13.92 -0.77 15.28
CA PHE A 82 13.60 0.04 14.11
C PHE A 82 14.80 0.08 13.17
N ILE A 83 14.53 -0.15 11.90
CA ILE A 83 15.58 -0.13 10.89
C ILE A 83 15.27 0.95 9.87
N ARG A 84 13.99 1.07 9.54
CA ARG A 84 13.55 2.05 8.57
C ARG A 84 12.02 2.13 8.55
N ARG A 85 11.52 3.21 7.96
CA ARG A 85 10.09 3.44 7.84
C ARG A 85 9.79 3.60 6.35
N VAL A 86 8.85 2.83 5.85
CA VAL A 86 8.50 2.91 4.44
C VAL A 86 7.00 3.14 4.28
N SER A 87 6.59 3.48 3.06
CA SER A 87 5.17 3.73 2.79
C SER A 87 4.70 3.09 1.50
N PHE A 88 3.65 2.27 1.61
CA PHE A 88 3.09 1.60 0.45
C PHE A 88 1.98 2.44 -0.17
N ILE A 89 1.95 2.44 -1.49
CA ILE A 89 0.95 3.18 -2.24
C ILE A 89 -0.02 2.15 -2.82
N ASP A 90 -1.16 1.99 -2.16
CA ASP A 90 -2.17 1.04 -2.60
C ASP A 90 -3.35 1.76 -3.21
N SER A 91 -4.06 1.10 -4.12
CA SER A 91 -5.21 1.73 -4.75
C SER A 91 -6.18 0.76 -5.42
N PRO A 92 -7.40 0.66 -4.87
CA PRO A 92 -8.43 -0.23 -5.43
C PRO A 92 -8.90 0.45 -6.71
N GLY A 93 -8.74 -0.26 -7.82
CA GLY A 93 -9.14 0.30 -9.11
C GLY A 93 -7.99 0.20 -10.10
N HIS A 94 -8.01 -0.85 -10.90
CA HIS A 94 -6.96 -1.07 -11.88
C HIS A 94 -6.57 0.17 -12.67
N GLU A 95 -7.55 1.03 -12.94
CA GLU A 95 -7.30 2.24 -13.70
C GLU A 95 -6.52 3.26 -12.88
N ALA A 96 -7.16 3.71 -11.80
CA ALA A 96 -6.57 4.70 -10.90
C ALA A 96 -5.09 4.44 -10.63
N LEU A 97 -4.75 3.19 -10.34
CA LEU A 97 -3.36 2.86 -10.07
C LEU A 97 -2.57 3.21 -11.33
N MET A 98 -3.04 2.68 -12.46
CA MET A 98 -2.41 2.91 -13.75
C MET A 98 -2.18 4.40 -13.99
N THR A 99 -3.23 5.20 -13.81
CA THR A 99 -3.12 6.63 -14.01
C THR A 99 -2.05 7.22 -13.10
N THR A 100 -2.14 6.90 -11.82
CA THR A 100 -1.17 7.39 -10.83
C THR A 100 0.26 7.09 -11.27
N MET A 101 0.55 5.81 -11.52
CA MET A 101 1.88 5.38 -11.93
C MET A 101 2.49 6.15 -13.10
N LEU A 102 1.74 6.24 -14.19
CA LEU A 102 2.22 6.95 -15.36
C LEU A 102 2.41 8.42 -15.02
N ALA A 103 1.35 9.04 -14.51
CA ALA A 103 1.37 10.46 -14.15
C ALA A 103 2.42 10.83 -13.10
N GLY A 104 2.22 10.36 -11.88
CA GLY A 104 3.15 10.69 -10.80
C GLY A 104 4.23 9.64 -10.55
N ALA A 105 4.84 9.15 -11.61
CA ALA A 105 5.89 8.14 -11.49
C ALA A 105 7.01 8.66 -10.58
N SER A 106 7.01 9.98 -10.35
CA SER A 106 8.02 10.61 -9.51
C SER A 106 7.78 10.34 -8.03
N LEU A 107 6.73 9.58 -7.74
CA LEU A 107 6.38 9.27 -6.36
C LEU A 107 6.94 7.93 -5.86
N MET A 108 6.85 6.90 -6.70
CA MET A 108 7.34 5.59 -6.33
C MET A 108 8.86 5.47 -6.43
N ASP A 109 9.44 4.61 -5.59
CA ASP A 109 10.88 4.36 -5.58
C ASP A 109 11.09 2.89 -5.81
N GLY A 110 9.99 2.16 -5.78
CA GLY A 110 10.01 0.73 -6.00
C GLY A 110 8.56 0.29 -6.04
N ALA A 111 8.34 -0.98 -6.33
CA ALA A 111 6.99 -1.52 -6.41
C ALA A 111 7.04 -3.01 -6.09
N ILE A 112 5.97 -3.51 -5.50
CA ILE A 112 5.89 -4.92 -5.17
C ILE A 112 4.84 -5.57 -6.04
N LEU A 113 5.27 -6.35 -7.02
CA LEU A 113 4.35 -7.01 -7.92
C LEU A 113 3.76 -8.27 -7.31
N VAL A 114 2.50 -8.18 -6.91
CA VAL A 114 1.80 -9.31 -6.32
C VAL A 114 1.11 -10.13 -7.40
N ILE A 115 1.54 -11.36 -7.56
CA ILE A 115 0.97 -12.26 -8.57
C ILE A 115 0.48 -13.54 -7.92
N ALA A 116 -0.83 -13.77 -7.99
CA ALA A 116 -1.43 -14.97 -7.40
C ALA A 116 -0.89 -16.23 -8.04
N ALA A 117 -0.54 -17.21 -7.21
CA ALA A 117 0.01 -18.47 -7.69
C ALA A 117 -1.06 -19.44 -8.20
N ASN A 118 -2.33 -19.19 -7.84
CA ASN A 118 -3.42 -20.07 -8.26
C ASN A 118 -4.16 -19.61 -9.52
N GLU A 119 -3.46 -18.88 -10.38
CA GLU A 119 -4.02 -18.39 -11.64
C GLU A 119 -2.92 -18.24 -12.67
N PRO A 120 -3.25 -18.33 -13.97
CA PRO A 120 -2.25 -18.18 -15.03
C PRO A 120 -1.44 -16.94 -14.71
N CYS A 121 -0.12 -17.02 -14.83
CA CYS A 121 0.74 -15.90 -14.49
C CYS A 121 0.34 -14.51 -15.01
N PRO A 122 0.49 -14.25 -16.32
CA PRO A 122 0.13 -12.92 -16.82
C PRO A 122 -1.37 -12.69 -17.01
N ARG A 123 -2.01 -12.07 -16.02
CA ARG A 123 -3.43 -11.78 -16.15
C ARG A 123 -3.57 -10.42 -16.80
N PRO A 124 -4.63 -10.24 -17.62
CA PRO A 124 -4.86 -8.98 -18.30
C PRO A 124 -4.36 -7.75 -17.55
N GLN A 125 -4.72 -7.64 -16.29
CA GLN A 125 -4.29 -6.50 -15.51
C GLN A 125 -2.84 -6.53 -15.08
N THR A 126 -2.34 -7.70 -14.69
CA THR A 126 -0.95 -7.82 -14.27
C THR A 126 0.01 -7.34 -15.36
N ARG A 127 -0.38 -7.51 -16.61
CA ARG A 127 0.45 -7.10 -17.73
C ARG A 127 0.56 -5.57 -17.80
N GLU A 128 -0.58 -4.90 -17.64
CA GLU A 128 -0.65 -3.45 -17.71
C GLU A 128 0.23 -2.73 -16.70
N HIS A 129 0.38 -3.30 -15.51
CA HIS A 129 1.21 -2.69 -14.49
C HIS A 129 2.66 -2.86 -14.90
N LEU A 130 3.03 -4.10 -15.22
CA LEU A 130 4.40 -4.36 -15.64
C LEU A 130 4.65 -3.44 -16.82
N MET A 131 3.58 -3.15 -17.55
CA MET A 131 3.63 -2.27 -18.70
C MET A 131 3.87 -0.84 -18.23
N ALA A 132 3.19 -0.47 -17.15
CA ALA A 132 3.32 0.87 -16.60
C ALA A 132 4.68 1.02 -15.92
N LEU A 133 5.06 0.01 -15.13
CA LEU A 133 6.34 0.04 -14.47
C LEU A 133 7.45 0.17 -15.51
N GLN A 134 7.26 -0.50 -16.64
CA GLN A 134 8.23 -0.48 -17.72
C GLN A 134 8.36 0.91 -18.35
N ILE A 135 7.23 1.60 -18.48
CA ILE A 135 7.20 2.93 -19.07
C ILE A 135 7.79 4.04 -18.20
N ILE A 136 7.73 3.88 -16.88
CA ILE A 136 8.28 4.91 -16.00
C ILE A 136 9.66 4.58 -15.46
N GLY A 137 10.31 3.59 -16.09
CA GLY A 137 11.65 3.22 -15.67
C GLY A 137 11.81 2.76 -14.23
N GLN A 138 10.79 2.11 -13.68
CA GLN A 138 10.88 1.62 -12.31
C GLN A 138 11.40 0.20 -12.37
N LYS A 139 12.69 0.05 -12.09
CA LYS A 139 13.34 -1.24 -12.16
C LYS A 139 13.40 -1.95 -10.80
N ASN A 140 13.43 -1.18 -9.71
CA ASN A 140 13.48 -1.76 -8.38
C ASN A 140 12.16 -2.44 -8.05
N ILE A 141 12.04 -3.71 -8.45
CA ILE A 141 10.80 -4.45 -8.25
C ILE A 141 10.96 -5.78 -7.52
N ILE A 142 10.00 -6.09 -6.67
CA ILE A 142 10.01 -7.35 -5.93
C ILE A 142 8.71 -8.05 -6.33
N ILE A 143 8.81 -9.31 -6.73
CA ILE A 143 7.63 -10.08 -7.13
C ILE A 143 7.17 -10.97 -5.99
N ALA A 144 5.90 -10.86 -5.65
CA ALA A 144 5.34 -11.64 -4.57
C ALA A 144 4.32 -12.67 -5.04
N GLN A 145 4.78 -13.89 -5.24
CA GLN A 145 3.87 -14.95 -5.65
C GLN A 145 3.09 -15.27 -4.38
N ASN A 146 1.84 -14.85 -4.36
CA ASN A 146 0.99 -15.05 -3.18
C ASN A 146 0.03 -16.23 -3.29
N LYS A 147 -0.62 -16.51 -2.16
CA LYS A 147 -1.57 -17.62 -2.06
C LYS A 147 -0.89 -18.95 -2.34
N ILE A 148 0.35 -19.08 -1.89
CA ILE A 148 1.09 -20.32 -2.12
C ILE A 148 0.39 -21.49 -1.45
N GLU A 149 -0.39 -21.21 -0.40
CA GLU A 149 -1.10 -22.27 0.31
C GLU A 149 -2.23 -22.87 -0.51
N LEU A 150 -2.46 -22.35 -1.71
CA LEU A 150 -3.54 -22.86 -2.54
C LEU A 150 -3.13 -23.73 -3.72
N VAL A 151 -1.82 -23.84 -3.96
CA VAL A 151 -1.32 -24.66 -5.06
C VAL A 151 -0.24 -25.64 -4.61
N ASP A 152 -0.43 -26.92 -4.89
CA ASP A 152 0.55 -27.92 -4.51
C ASP A 152 1.86 -27.53 -5.18
N LYS A 153 2.97 -28.06 -4.67
CA LYS A 153 4.28 -27.72 -5.20
C LYS A 153 4.43 -27.90 -6.72
N GLU A 154 3.57 -28.70 -7.32
CA GLU A 154 3.66 -28.89 -8.77
C GLU A 154 3.25 -27.62 -9.49
N LYS A 155 2.03 -27.16 -9.20
CA LYS A 155 1.50 -25.94 -9.81
C LYS A 155 2.37 -24.72 -9.50
N ALA A 156 2.84 -24.64 -8.26
CA ALA A 156 3.69 -23.53 -7.83
C ALA A 156 4.88 -23.32 -8.76
N LEU A 157 5.62 -24.40 -8.99
CA LEU A 157 6.79 -24.34 -9.86
C LEU A 157 6.39 -23.95 -11.29
N GLU A 158 5.22 -24.40 -11.72
CA GLU A 158 4.74 -24.10 -13.06
C GLU A 158 4.42 -22.62 -13.13
N ASN A 159 3.93 -22.07 -12.02
CA ASN A 159 3.59 -20.66 -11.94
C ASN A 159 4.91 -19.89 -11.94
N TYR A 160 5.82 -20.28 -11.06
CA TYR A 160 7.12 -19.66 -10.96
C TYR A 160 7.68 -19.50 -12.36
N ARG A 161 7.85 -20.63 -13.04
CA ARG A 161 8.36 -20.60 -14.40
C ARG A 161 7.60 -19.56 -15.22
N GLN A 162 6.28 -19.65 -15.23
CA GLN A 162 5.48 -18.70 -15.99
C GLN A 162 5.90 -17.26 -15.71
N ILE A 163 5.96 -16.90 -14.42
CA ILE A 163 6.38 -15.57 -14.03
C ILE A 163 7.71 -15.23 -14.68
N LYS A 164 8.68 -16.14 -14.54
CA LYS A 164 10.01 -15.94 -15.11
C LYS A 164 9.95 -15.59 -16.60
N GLU A 165 9.12 -16.31 -17.35
CA GLU A 165 8.97 -16.05 -18.78
C GLU A 165 8.27 -14.70 -18.99
N PHE A 166 7.39 -14.35 -18.07
CA PHE A 166 6.65 -13.11 -18.15
C PHE A 166 7.55 -11.89 -17.95
N ILE A 167 8.45 -11.97 -16.99
CA ILE A 167 9.33 -10.84 -16.71
C ILE A 167 10.57 -10.69 -17.57
N LYS A 168 11.08 -11.78 -18.13
CA LYS A 168 12.27 -11.67 -18.96
C LYS A 168 12.05 -10.55 -19.96
N GLY A 169 13.08 -9.74 -20.17
CA GLY A 169 12.96 -8.63 -21.09
C GLY A 169 12.08 -7.51 -20.60
N THR A 170 12.09 -7.29 -19.28
CA THR A 170 11.30 -6.23 -18.67
C THR A 170 12.12 -5.64 -17.52
N VAL A 171 11.57 -4.64 -16.85
CA VAL A 171 12.25 -3.98 -15.75
C VAL A 171 12.27 -4.86 -14.51
N ALA A 172 11.38 -5.84 -14.48
CA ALA A 172 11.33 -6.76 -13.35
C ALA A 172 12.02 -8.04 -13.77
N GLU A 173 12.94 -7.95 -14.72
CA GLU A 173 13.64 -9.14 -15.18
C GLU A 173 14.54 -9.70 -14.08
N ASN A 174 15.10 -8.83 -13.26
CA ASN A 174 15.97 -9.26 -12.17
C ASN A 174 15.31 -9.19 -10.80
N ALA A 175 13.99 -9.35 -10.75
CA ALA A 175 13.28 -9.29 -9.47
C ALA A 175 13.09 -10.66 -8.83
N PRO A 176 13.25 -10.74 -7.50
CA PRO A 176 13.08 -12.01 -6.81
C PRO A 176 11.62 -12.45 -6.88
N ILE A 177 11.38 -13.75 -6.79
CA ILE A 177 10.02 -14.27 -6.81
C ILE A 177 9.81 -14.95 -5.48
N ILE A 178 9.26 -14.20 -4.54
CA ILE A 178 9.03 -14.70 -3.20
C ILE A 178 7.66 -15.31 -2.98
N PRO A 179 7.63 -16.62 -2.72
CA PRO A 179 6.40 -17.38 -2.48
C PRO A 179 5.90 -16.98 -1.10
N ILE A 180 4.69 -16.42 -1.02
CA ILE A 180 4.19 -16.02 0.28
C ILE A 180 2.71 -16.27 0.46
N SER A 181 2.25 -16.00 1.67
CA SER A 181 0.84 -16.16 2.02
C SER A 181 0.42 -14.94 2.82
N ALA A 182 -0.08 -13.92 2.13
CA ALA A 182 -0.52 -12.71 2.78
C ALA A 182 -1.56 -13.03 3.86
N LEU A 183 -2.24 -14.16 3.70
CA LEU A 183 -3.27 -14.57 4.66
C LEU A 183 -2.70 -15.15 5.94
N HIS A 184 -1.79 -16.12 5.82
CA HIS A 184 -1.21 -16.74 7.00
C HIS A 184 0.14 -16.14 7.41
N GLY A 185 0.78 -15.43 6.48
CA GLY A 185 2.06 -14.81 6.77
C GLY A 185 3.27 -15.65 6.45
N ALA A 186 3.15 -16.50 5.44
CA ALA A 186 4.23 -17.39 5.05
C ALA A 186 5.31 -16.69 4.24
N ASN A 187 6.43 -16.40 4.89
CA ASN A 187 7.57 -15.72 4.27
C ASN A 187 7.48 -14.21 4.32
N ILE A 188 6.58 -13.66 5.12
CA ILE A 188 6.47 -12.22 5.21
C ILE A 188 7.81 -11.68 5.69
N ASP A 189 8.49 -12.45 6.54
CA ASP A 189 9.78 -12.05 7.07
C ASP A 189 10.78 -11.94 5.91
N VAL A 190 10.74 -12.91 5.02
CA VAL A 190 11.63 -12.93 3.85
C VAL A 190 11.35 -11.71 3.00
N LEU A 191 10.06 -11.47 2.78
CA LEU A 191 9.60 -10.35 1.98
C LEU A 191 10.11 -9.04 2.57
N VAL A 192 9.63 -8.71 3.76
CA VAL A 192 10.02 -7.47 4.44
C VAL A 192 11.52 -7.25 4.31
N LYS A 193 12.30 -8.28 4.60
CA LYS A 193 13.75 -8.19 4.49
C LYS A 193 14.16 -7.75 3.09
N ALA A 194 13.54 -8.36 2.08
CA ALA A 194 13.82 -8.05 0.67
C ALA A 194 13.58 -6.59 0.35
N ILE A 195 12.59 -5.98 1.02
CA ILE A 195 12.28 -4.58 0.81
C ILE A 195 13.50 -3.75 1.18
N GLU A 196 14.36 -4.32 2.01
CA GLU A 196 15.58 -3.64 2.43
C GLU A 196 16.70 -3.98 1.46
N GLU A 197 16.76 -5.24 1.05
CA GLU A 197 17.79 -5.68 0.11
C GLU A 197 17.56 -4.89 -1.18
N PHE A 198 16.32 -4.94 -1.67
CA PHE A 198 15.94 -4.22 -2.88
C PHE A 198 15.10 -3.05 -2.41
N ILE A 199 14.99 -2.00 -3.21
CA ILE A 199 14.22 -0.82 -2.85
C ILE A 199 14.80 -0.09 -1.64
N PRO A 200 16.09 0.25 -1.68
CA PRO A 200 16.70 0.95 -0.55
C PRO A 200 16.49 2.44 -0.72
N THR A 201 16.67 3.21 0.35
CA THR A 201 16.51 4.65 0.26
C THR A 201 17.60 5.19 -0.66
N PRO A 202 17.20 5.84 -1.76
CA PRO A 202 18.12 6.42 -2.76
C PRO A 202 18.93 7.58 -2.18
N LYS A 203 19.95 8.01 -2.91
CA LYS A 203 20.76 9.15 -2.46
C LYS A 203 20.11 10.39 -3.04
N ARG A 204 19.59 11.23 -2.17
CA ARG A 204 18.93 12.46 -2.60
C ARG A 204 19.66 13.67 -2.02
N ASP A 205 19.95 14.66 -2.86
CA ASP A 205 20.62 15.85 -2.39
C ASP A 205 19.57 16.79 -1.83
N SER A 206 19.41 16.75 -0.52
CA SER A 206 18.44 17.58 0.19
C SER A 206 18.45 19.06 -0.21
N ASN A 207 19.63 19.55 -0.61
CA ASN A 207 19.78 20.95 -0.99
C ASN A 207 19.03 21.39 -2.24
N LYS A 208 18.61 20.45 -3.08
CA LYS A 208 17.88 20.84 -4.27
C LYS A 208 16.66 21.64 -3.81
N PRO A 209 16.18 22.58 -4.64
CA PRO A 209 15.02 23.39 -4.28
C PRO A 209 13.79 22.50 -4.06
N PRO A 210 13.03 22.77 -2.99
CA PRO A 210 11.84 22.00 -2.64
C PRO A 210 10.73 21.96 -3.67
N LYS A 211 10.09 20.81 -3.75
CA LYS A 211 8.95 20.58 -4.63
C LYS A 211 8.08 19.49 -4.00
N MET A 212 6.83 19.84 -3.77
CA MET A 212 5.88 18.91 -3.18
C MET A 212 4.62 18.90 -4.02
N LEU A 213 4.09 17.70 -4.26
CA LEU A 213 2.86 17.56 -5.03
C LEU A 213 1.73 17.43 -4.04
N VAL A 214 0.94 18.49 -3.90
CA VAL A 214 -0.18 18.50 -2.96
C VAL A 214 -1.23 17.49 -3.37
N LEU A 215 -1.45 16.49 -2.51
CA LEU A 215 -2.43 15.46 -2.78
C LEU A 215 -3.78 15.86 -2.22
N ARG A 216 -3.74 16.62 -1.13
CA ARG A 216 -4.96 17.07 -0.48
C ARG A 216 -4.75 18.37 0.29
N SER A 217 -5.84 19.10 0.48
CA SER A 217 -5.82 20.36 1.22
C SER A 217 -7.05 20.34 2.13
N PHE A 218 -6.91 20.85 3.35
CA PHE A 218 -8.03 20.83 4.28
C PHE A 218 -8.18 22.05 5.18
N ASP A 219 -9.20 21.96 6.02
CA ASP A 219 -9.54 22.97 7.01
C ASP A 219 -9.81 22.15 8.26
N VAL A 220 -8.74 21.76 8.94
CA VAL A 220 -8.84 20.97 10.16
C VAL A 220 -9.71 21.66 11.19
N ASN A 221 -10.09 22.91 10.92
CA ASN A 221 -10.95 23.64 11.83
C ASN A 221 -12.30 22.95 11.87
N LYS A 222 -12.96 23.05 13.01
CA LYS A 222 -14.27 22.44 13.23
C LYS A 222 -14.79 23.24 14.40
N PRO A 223 -16.11 23.45 14.47
CA PRO A 223 -16.58 24.22 15.62
C PRO A 223 -16.08 23.68 16.96
N GLY A 224 -14.79 23.89 17.20
CA GLY A 224 -14.16 23.50 18.44
C GLY A 224 -14.22 24.83 19.13
N THR A 225 -14.25 25.86 18.29
CA THR A 225 -14.39 27.26 18.68
C THR A 225 -13.24 28.13 19.19
N PRO A 226 -12.13 27.56 19.67
CA PRO A 226 -11.11 28.52 20.11
C PRO A 226 -10.70 29.49 18.99
N PRO A 227 -10.80 30.81 19.24
CA PRO A 227 -10.44 31.79 18.21
C PRO A 227 -8.95 32.18 18.10
N GLU A 228 -8.15 31.87 19.11
CA GLU A 228 -6.72 32.23 19.10
C GLU A 228 -5.93 31.76 17.88
N LYS A 229 -4.83 31.04 18.14
CA LYS A 229 -3.99 30.55 17.06
C LYS A 229 -4.36 29.18 16.54
N LEU A 230 -5.66 28.97 16.34
CA LEU A 230 -6.17 27.72 15.81
C LEU A 230 -5.70 27.64 14.36
N VAL A 231 -5.01 26.55 14.04
CA VAL A 231 -4.44 26.31 12.71
C VAL A 231 -5.13 26.89 11.49
N GLY A 232 -4.31 27.22 10.49
CA GLY A 232 -4.81 27.75 9.24
C GLY A 232 -4.84 26.64 8.21
N GLY A 233 -4.72 26.99 6.93
CA GLY A 233 -4.73 25.98 5.89
C GLY A 233 -3.66 24.92 6.05
N VAL A 234 -3.97 23.69 5.67
CA VAL A 234 -3.03 22.58 5.77
C VAL A 234 -3.02 21.75 4.49
N LEU A 235 -1.82 21.44 4.00
CA LEU A 235 -1.69 20.66 2.78
C LEU A 235 -0.96 19.34 3.02
N ASP A 236 -1.41 18.29 2.35
CA ASP A 236 -0.81 16.97 2.46
C ASP A 236 -0.29 16.56 1.09
N GLY A 237 0.99 16.21 1.02
CA GLY A 237 1.55 15.82 -0.26
C GLY A 237 2.80 14.99 -0.11
N SER A 238 3.43 14.69 -1.24
CA SER A 238 4.64 13.89 -1.25
C SER A 238 5.81 14.76 -1.70
N ILE A 239 6.70 15.11 -0.78
CA ILE A 239 7.85 15.90 -1.18
C ILE A 239 8.51 15.00 -2.21
N VAL A 240 8.97 15.56 -3.32
CA VAL A 240 9.59 14.76 -4.36
C VAL A 240 10.97 15.27 -4.75
N GLN A 241 11.43 16.30 -4.05
CA GLN A 241 12.73 16.88 -4.32
C GLN A 241 13.10 17.86 -3.21
N GLY A 242 14.32 17.72 -2.70
CA GLY A 242 14.77 18.61 -1.63
C GLY A 242 14.10 18.38 -0.29
N LYS A 243 13.65 19.48 0.34
CA LYS A 243 12.99 19.38 1.63
C LYS A 243 12.26 20.64 2.08
N LEU A 244 11.31 20.45 2.98
CA LEU A 244 10.53 21.54 3.55
C LEU A 244 10.94 21.63 5.01
N LYS A 245 10.97 22.84 5.56
CA LYS A 245 11.40 23.00 6.94
C LYS A 245 10.53 24.03 7.66
N VAL A 246 10.06 23.69 8.86
CA VAL A 246 9.21 24.60 9.62
C VAL A 246 9.82 26.00 9.58
N GLY A 247 8.98 27.00 9.35
CA GLY A 247 9.46 28.37 9.28
C GLY A 247 9.83 28.77 7.87
N ASP A 248 9.62 27.87 6.92
CA ASP A 248 9.94 28.14 5.52
C ASP A 248 8.83 28.92 4.82
N GLU A 249 9.23 29.81 3.93
CA GLU A 249 8.29 30.61 3.17
C GLU A 249 8.11 29.87 1.84
N ILE A 250 6.90 29.38 1.60
CA ILE A 250 6.63 28.64 0.38
C ILE A 250 5.71 29.37 -0.59
N GLU A 251 5.76 28.93 -1.85
CA GLU A 251 4.93 29.50 -2.91
C GLU A 251 4.07 28.36 -3.44
N ILE A 252 2.76 28.49 -3.28
CA ILE A 252 1.83 27.48 -3.77
C ILE A 252 1.78 27.72 -5.27
N ARG A 253 1.45 26.69 -6.05
CA ARG A 253 1.48 26.87 -7.49
C ARG A 253 0.33 27.51 -8.30
N PRO A 254 -0.53 26.71 -8.98
CA PRO A 254 -1.57 27.42 -9.72
C PRO A 254 -2.04 28.63 -8.92
N GLY A 255 -2.54 28.36 -7.73
CA GLY A 255 -2.98 29.44 -6.86
C GLY A 255 -4.46 29.64 -6.77
N VAL A 256 -4.82 30.75 -6.12
CA VAL A 256 -6.21 31.13 -5.91
C VAL A 256 -6.75 31.92 -7.10
N PRO A 257 -7.98 31.60 -7.52
CA PRO A 257 -8.68 32.23 -8.64
C PRO A 257 -9.07 33.67 -8.31
N TYR A 258 -9.35 34.47 -9.33
CA TYR A 258 -9.77 35.84 -9.10
C TYR A 258 -11.02 36.19 -9.90
N GLU A 259 -11.56 37.40 -9.67
CA GLU A 259 -12.78 37.80 -10.36
C GLU A 259 -12.57 38.23 -11.80
N GLU A 260 -13.22 37.48 -12.69
CA GLU A 260 -13.15 37.70 -14.13
C GLU A 260 -12.80 39.09 -14.67
N HIS A 261 -11.51 39.25 -14.99
CA HIS A 261 -10.99 40.45 -15.64
C HIS A 261 -11.00 39.79 -17.00
N GLY A 262 -10.29 38.67 -17.05
CA GLY A 262 -10.28 37.84 -18.23
C GLY A 262 -11.45 36.98 -17.83
N ARG A 263 -11.34 35.67 -17.92
CA ARG A 263 -12.45 34.80 -17.51
C ARG A 263 -12.10 34.18 -16.17
N ILE A 264 -11.12 33.29 -16.19
CA ILE A 264 -10.64 32.61 -15.00
C ILE A 264 -9.14 32.78 -14.98
N LYS A 265 -8.60 33.15 -13.84
CA LYS A 265 -7.16 33.34 -13.73
C LYS A 265 -6.69 33.00 -12.33
N TYR A 266 -5.68 32.15 -12.26
CA TYR A 266 -5.11 31.72 -10.99
C TYR A 266 -3.79 32.46 -10.77
N GLU A 267 -3.63 33.05 -9.60
CA GLU A 267 -2.42 33.79 -9.27
C GLU A 267 -1.67 32.98 -8.22
N PRO A 268 -0.35 32.83 -8.37
CA PRO A 268 0.41 32.07 -7.38
C PRO A 268 0.41 32.75 -6.02
N ILE A 269 0.15 31.98 -4.96
CA ILE A 269 0.11 32.53 -3.61
C ILE A 269 1.28 32.05 -2.74
N THR A 270 1.67 32.89 -1.79
CA THR A 270 2.77 32.59 -0.89
C THR A 270 2.31 32.56 0.56
N THR A 271 2.85 31.62 1.33
CA THR A 271 2.50 31.50 2.74
C THR A 271 3.70 31.00 3.54
N GLU A 272 3.53 30.92 4.86
CA GLU A 272 4.61 30.48 5.74
C GLU A 272 4.23 29.19 6.46
N ILE A 273 5.16 28.22 6.44
CA ILE A 273 4.94 26.93 7.07
C ILE A 273 5.00 27.00 8.59
N VAL A 274 3.90 26.62 9.23
CA VAL A 274 3.78 26.63 10.68
C VAL A 274 4.10 25.28 11.29
N SER A 275 3.62 24.21 10.65
CA SER A 275 3.83 22.87 11.16
C SER A 275 4.06 21.85 10.05
N LEU A 276 4.59 20.71 10.44
CA LEU A 276 4.85 19.61 9.51
C LEU A 276 4.70 18.27 10.21
N GLN A 277 3.74 17.48 9.76
CA GLN A 277 3.50 16.15 10.32
C GLN A 277 4.07 15.14 9.34
N ALA A 278 4.80 14.17 9.87
CA ALA A 278 5.40 13.15 9.02
C ALA A 278 5.83 11.97 9.88
N GLY A 279 5.18 10.84 9.67
CA GLY A 279 5.50 9.65 10.45
C GLY A 279 4.61 9.52 11.65
N GLY A 280 3.56 10.32 11.70
CA GLY A 280 2.63 10.28 12.81
C GLY A 280 2.91 11.37 13.84
N GLN A 281 4.11 11.94 13.77
CA GLN A 281 4.48 13.00 14.69
C GLN A 281 4.66 14.32 13.96
N PHE A 282 5.10 15.33 14.70
CA PHE A 282 5.36 16.65 14.14
C PHE A 282 6.86 16.83 14.09
N VAL A 283 7.35 17.29 12.95
CA VAL A 283 8.78 17.50 12.76
C VAL A 283 9.04 18.94 12.35
N GLU A 284 10.31 19.33 12.35
CA GLU A 284 10.69 20.69 11.97
C GLU A 284 11.24 20.63 10.55
N GLU A 285 11.34 19.42 10.02
CA GLU A 285 11.87 19.21 8.68
C GLU A 285 11.35 17.89 8.14
N ALA A 286 10.69 17.93 6.98
CA ALA A 286 10.15 16.74 6.35
C ALA A 286 10.87 16.39 5.07
N TYR A 287 10.86 15.12 4.69
CA TYR A 287 11.54 14.67 3.48
C TYR A 287 10.66 13.75 2.65
N PRO A 288 11.08 13.43 1.42
CA PRO A 288 10.31 12.55 0.56
C PRO A 288 10.18 11.15 1.16
N GLY A 289 8.99 10.57 1.02
CA GLY A 289 8.73 9.26 1.58
C GLY A 289 7.54 9.40 2.50
N GLY A 290 6.42 8.83 2.08
CA GLY A 290 5.21 8.92 2.88
C GLY A 290 4.46 10.20 2.54
N LEU A 291 3.50 10.56 3.38
CA LEU A 291 2.72 11.77 3.16
C LEU A 291 3.20 12.85 4.11
N VAL A 292 3.14 14.11 3.67
CA VAL A 292 3.58 15.22 4.49
C VAL A 292 2.46 16.23 4.72
N GLY A 293 2.20 16.53 5.99
CA GLY A 293 1.16 17.48 6.33
C GLY A 293 1.73 18.82 6.75
N ILE A 294 1.68 19.78 5.83
CA ILE A 294 2.21 21.12 6.10
C ILE A 294 1.15 22.04 6.70
N GLY A 295 1.56 22.85 7.66
CA GLY A 295 0.65 23.80 8.29
C GLY A 295 1.01 25.19 7.81
N THR A 296 0.03 25.93 7.29
CA THR A 296 0.31 27.27 6.78
C THR A 296 -0.39 28.36 7.57
N LYS A 297 -0.06 29.60 7.24
CA LYS A 297 -0.66 30.76 7.90
C LYS A 297 -1.85 31.18 7.04
N LEU A 298 -2.15 30.38 6.02
CA LEU A 298 -3.24 30.68 5.11
C LEU A 298 -4.65 30.52 5.63
N ASP A 299 -5.56 31.26 5.02
CA ASP A 299 -6.96 31.23 5.38
C ASP A 299 -7.52 29.85 5.03
N PRO A 300 -7.91 29.08 6.05
CA PRO A 300 -8.46 27.74 5.86
C PRO A 300 -9.57 27.76 4.81
N TYR A 301 -10.19 28.93 4.66
CA TYR A 301 -11.26 29.12 3.69
C TYR A 301 -10.75 28.84 2.29
N LEU A 302 -9.43 28.84 2.14
CA LEU A 302 -8.81 28.62 0.84
C LEU A 302 -8.38 27.18 0.55
N THR A 303 -8.18 26.40 1.60
CA THR A 303 -7.78 25.01 1.43
C THR A 303 -8.94 24.06 1.70
N LYS A 304 -9.97 24.56 2.37
CA LYS A 304 -11.14 23.76 2.70
C LYS A 304 -11.62 23.04 1.44
N GLY A 305 -12.29 21.90 1.63
CA GLY A 305 -12.80 21.15 0.50
C GLY A 305 -11.80 20.70 -0.55
N ASP A 306 -10.53 20.63 -0.19
CA ASP A 306 -9.49 20.20 -1.12
C ASP A 306 -9.41 21.00 -2.42
N LEU A 307 -9.53 22.32 -2.32
CA LEU A 307 -9.45 23.17 -3.51
C LEU A 307 -8.00 23.32 -3.98
N MET A 308 -7.08 23.30 -3.01
CA MET A 308 -5.66 23.46 -3.30
C MET A 308 -5.08 22.20 -3.96
N ALA A 309 -5.79 21.08 -3.81
CA ALA A 309 -5.33 19.81 -4.38
C ALA A 309 -4.94 19.95 -5.85
N GLY A 310 -3.79 19.40 -6.19
CA GLY A 310 -3.31 19.46 -7.56
C GLY A 310 -2.18 20.45 -7.69
N ASN A 311 -2.07 21.34 -6.71
CA ASN A 311 -1.03 22.34 -6.71
C ASN A 311 0.31 21.74 -6.33
N VAL A 312 1.35 22.54 -6.51
CA VAL A 312 2.71 22.14 -6.19
C VAL A 312 3.26 23.21 -5.28
N VAL A 313 4.10 22.80 -4.34
CA VAL A 313 4.67 23.76 -3.41
C VAL A 313 6.18 23.82 -3.60
N GLY A 314 6.78 24.94 -3.21
CA GLY A 314 8.20 25.11 -3.33
C GLY A 314 8.62 26.45 -2.76
N LYS A 315 9.88 26.83 -2.98
CA LYS A 315 10.38 28.11 -2.49
C LYS A 315 10.03 29.20 -3.49
N PRO A 316 9.57 30.37 -3.01
CA PRO A 316 9.22 31.45 -3.92
C PRO A 316 10.28 31.68 -4.99
N GLY A 317 9.87 31.58 -6.25
CA GLY A 317 10.80 31.77 -7.36
C GLY A 317 11.13 30.46 -8.05
N LYS A 318 11.63 29.50 -7.28
CA LYS A 318 12.00 28.20 -7.82
C LYS A 318 10.87 27.17 -7.82
N LEU A 319 10.04 27.23 -8.85
CA LEU A 319 8.91 26.31 -9.00
C LEU A 319 8.79 25.94 -10.47
N PRO A 320 7.83 25.07 -10.78
CA PRO A 320 7.68 24.69 -12.19
C PRO A 320 6.94 25.78 -12.95
N PRO A 321 6.84 25.64 -14.28
CA PRO A 321 6.13 26.63 -15.09
C PRO A 321 4.65 26.27 -15.13
N VAL A 322 3.79 27.25 -14.88
CA VAL A 322 2.35 26.97 -14.91
C VAL A 322 1.96 26.99 -16.38
N TRP A 323 0.95 26.20 -16.74
CA TRP A 323 0.51 26.14 -18.13
C TRP A 323 -0.97 26.43 -18.27
N THR A 324 -1.36 27.00 -19.40
CA THR A 324 -2.75 27.29 -19.66
C THR A 324 -3.15 26.52 -20.91
N ASP A 325 -2.13 26.16 -21.70
CA ASP A 325 -2.32 25.39 -22.92
C ASP A 325 -1.29 24.26 -22.88
N LEU A 326 -1.46 23.27 -23.73
CA LEU A 326 -0.54 22.15 -23.69
C LEU A 326 -0.44 21.30 -24.96
N ARG A 327 0.78 21.11 -25.44
CA ARG A 327 1.03 20.26 -26.59
C ARG A 327 1.63 19.02 -25.97
N LEU A 328 1.47 17.86 -26.60
CA LEU A 328 2.01 16.65 -26.02
C LEU A 328 2.50 15.65 -27.07
N GLU A 329 3.51 14.88 -26.69
CA GLU A 329 4.08 13.84 -27.54
C GLU A 329 3.25 12.61 -27.21
N VAL A 330 2.13 12.45 -27.90
CA VAL A 330 1.24 11.33 -27.65
C VAL A 330 1.78 9.94 -27.96
N HIS A 331 1.54 9.03 -27.01
CA HIS A 331 1.94 7.64 -27.12
C HIS A 331 0.78 6.79 -26.62
N LEU A 332 -0.01 6.25 -27.55
CA LEU A 332 -1.14 5.43 -27.18
C LEU A 332 -0.66 4.08 -26.67
N LEU A 333 -1.36 3.54 -25.68
CA LEU A 333 -0.97 2.26 -25.09
C LEU A 333 -1.66 1.07 -25.73
N GLU A 334 -1.00 -0.07 -25.62
CA GLU A 334 -1.52 -1.34 -26.15
C GLU A 334 -2.19 -2.02 -24.96
N ARG A 335 -3.41 -1.61 -24.64
CA ARG A 335 -4.15 -2.16 -23.51
C ARG A 335 -4.77 -3.53 -23.80
N VAL A 336 -4.84 -4.38 -22.77
CA VAL A 336 -5.41 -5.71 -22.88
C VAL A 336 -6.66 -5.88 -22.02
N VAL A 337 -6.71 -5.18 -20.89
CA VAL A 337 -7.85 -5.27 -19.98
C VAL A 337 -9.02 -4.40 -20.44
N GLY A 338 -10.19 -5.03 -20.56
CA GLY A 338 -11.38 -4.33 -20.99
C GLY A 338 -12.09 -5.17 -22.03
N THR A 339 -12.91 -4.52 -22.85
CA THR A 339 -13.65 -5.20 -23.89
C THR A 339 -13.20 -4.65 -25.23
N GLU A 340 -13.17 -5.50 -26.27
CA GLU A 340 -12.72 -5.11 -27.60
C GLU A 340 -13.00 -3.66 -28.00
N GLN A 341 -14.22 -3.20 -27.76
CA GLN A 341 -14.57 -1.81 -28.08
C GLN A 341 -13.55 -0.95 -27.35
N GLU A 342 -13.71 -0.89 -26.03
CA GLU A 342 -12.82 -0.12 -25.17
C GLU A 342 -11.36 -0.34 -25.57
N LEU A 343 -11.03 -1.57 -25.91
CA LEU A 343 -9.67 -1.94 -26.28
C LEU A 343 -9.03 -1.12 -27.38
N ASN A 344 -9.31 -1.46 -28.64
CA ASN A 344 -8.71 -0.74 -29.76
C ASN A 344 -9.07 0.73 -29.80
N VAL A 345 -8.28 1.52 -29.09
CA VAL A 345 -8.48 2.95 -29.00
C VAL A 345 -8.39 3.65 -30.36
N GLU A 346 -9.41 4.43 -30.69
CA GLU A 346 -9.42 5.20 -31.92
C GLU A 346 -8.54 6.39 -31.57
N PRO A 347 -7.69 6.85 -32.49
CA PRO A 347 -6.85 8.00 -32.15
C PRO A 347 -7.62 9.25 -31.74
N ILE A 348 -7.01 10.04 -30.85
CA ILE A 348 -7.61 11.26 -30.36
C ILE A 348 -8.02 12.12 -31.55
N LYS A 349 -9.11 12.86 -31.38
CA LYS A 349 -9.63 13.69 -32.46
C LYS A 349 -9.66 15.17 -32.08
N ARG A 350 -9.59 16.03 -33.09
CA ARG A 350 -9.65 17.48 -32.87
C ARG A 350 -11.00 17.76 -32.22
N LYS A 351 -10.99 18.52 -31.12
CA LYS A 351 -12.22 18.90 -30.42
C LYS A 351 -12.74 17.91 -29.38
N GLU A 352 -12.08 16.76 -29.24
CA GLU A 352 -12.50 15.78 -28.24
C GLU A 352 -12.13 16.33 -26.86
N VAL A 353 -12.87 15.95 -25.83
CA VAL A 353 -12.58 16.43 -24.48
C VAL A 353 -11.94 15.32 -23.67
N LEU A 354 -10.63 15.46 -23.43
CA LEU A 354 -9.89 14.46 -22.69
C LEU A 354 -9.73 14.76 -21.20
N LEU A 355 -9.34 13.74 -20.45
CA LEU A 355 -9.12 13.85 -19.02
C LEU A 355 -7.62 13.72 -18.77
N LEU A 356 -7.01 14.79 -18.27
CA LEU A 356 -5.57 14.77 -18.04
C LEU A 356 -5.12 14.66 -16.58
N ASN A 357 -4.03 13.91 -16.41
CA ASN A 357 -3.42 13.68 -15.11
C ASN A 357 -1.93 13.93 -15.20
N VAL A 358 -1.44 14.82 -14.35
CA VAL A 358 -0.01 15.14 -14.29
C VAL A 358 0.22 15.50 -12.84
N GLY A 359 1.28 14.95 -12.24
CA GLY A 359 1.51 15.24 -10.84
C GLY A 359 0.23 14.78 -10.16
N THR A 360 -0.27 15.56 -9.21
CA THR A 360 -1.51 15.20 -8.53
C THR A 360 -2.67 16.00 -9.12
N ALA A 361 -2.37 16.81 -10.13
CA ALA A 361 -3.38 17.63 -10.77
C ALA A 361 -4.18 16.84 -11.78
N ARG A 362 -5.47 17.12 -11.84
CA ARG A 362 -6.39 16.46 -12.76
C ARG A 362 -7.20 17.54 -13.45
N THR A 363 -7.20 17.53 -14.78
CA THR A 363 -7.93 18.53 -15.54
C THR A 363 -8.35 18.07 -16.92
N MET A 364 -9.43 18.66 -17.42
CA MET A 364 -9.96 18.34 -18.75
C MET A 364 -9.22 19.23 -19.75
N GLY A 365 -8.96 18.70 -20.94
CA GLY A 365 -8.28 19.47 -21.96
C GLY A 365 -8.98 19.33 -23.30
N LEU A 366 -8.95 20.39 -24.11
CA LEU A 366 -9.59 20.35 -25.43
C LEU A 366 -8.57 20.26 -26.57
N VAL A 367 -8.65 19.19 -27.34
CA VAL A 367 -7.75 18.99 -28.46
C VAL A 367 -8.05 20.06 -29.51
N THR A 368 -7.09 20.97 -29.69
CA THR A 368 -7.25 22.06 -30.65
C THR A 368 -6.27 21.94 -31.81
N ALA A 369 -5.56 20.82 -31.88
CA ALA A 369 -4.59 20.60 -32.95
C ALA A 369 -4.23 19.14 -33.11
N LEU A 370 -3.75 18.79 -34.30
CA LEU A 370 -3.35 17.42 -34.61
C LEU A 370 -2.07 17.43 -35.43
N GLY A 371 -1.19 16.48 -35.13
CA GLY A 371 0.06 16.36 -35.84
C GLY A 371 0.42 14.89 -35.92
N LYS A 372 1.68 14.58 -36.18
CA LYS A 372 2.10 13.19 -36.26
C LYS A 372 2.56 12.74 -34.89
N ASP A 373 1.68 12.02 -34.18
CA ASP A 373 2.01 11.51 -32.85
C ASP A 373 2.30 12.67 -31.91
N GLU A 374 1.44 13.69 -31.97
CA GLU A 374 1.56 14.89 -31.17
C GLU A 374 0.22 15.61 -31.24
N ILE A 375 -0.17 16.29 -30.16
CA ILE A 375 -1.44 17.01 -30.14
C ILE A 375 -1.38 18.24 -29.26
N GLU A 376 -2.42 19.06 -29.34
CA GLU A 376 -2.51 20.28 -28.54
C GLU A 376 -3.76 20.25 -27.69
N LEU A 377 -3.70 20.93 -26.55
CA LEU A 377 -4.82 20.98 -25.62
C LEU A 377 -4.87 22.26 -24.80
N LYS A 378 -6.07 22.77 -24.60
CA LYS A 378 -6.27 23.95 -23.79
C LYS A 378 -6.71 23.36 -22.47
N LEU A 379 -6.15 23.85 -21.36
CA LEU A 379 -6.49 23.31 -20.07
C LEU A 379 -7.70 23.93 -19.39
N GLN A 380 -8.51 23.08 -18.76
CA GLN A 380 -9.70 23.52 -18.06
C GLN A 380 -9.25 24.21 -16.78
N ILE A 381 -8.12 23.74 -16.26
CA ILE A 381 -7.51 24.29 -15.05
C ILE A 381 -6.01 24.32 -15.26
N PRO A 382 -5.37 25.46 -15.00
CA PRO A 382 -3.92 25.53 -15.18
C PRO A 382 -3.27 24.43 -14.37
N VAL A 383 -2.19 23.87 -14.89
CA VAL A 383 -1.48 22.80 -14.20
C VAL A 383 0.00 23.14 -14.12
N CYS A 384 0.55 23.06 -12.91
CA CYS A 384 1.96 23.34 -12.70
C CYS A 384 2.83 22.17 -13.08
N ALA A 385 3.57 22.29 -14.18
CA ALA A 385 4.40 21.16 -14.59
C ALA A 385 5.75 21.51 -15.21
N GLU A 386 6.71 20.64 -14.96
CA GLU A 386 8.07 20.79 -15.49
C GLU A 386 8.04 20.12 -16.86
N PRO A 387 8.52 20.82 -17.90
CA PRO A 387 8.53 20.21 -19.24
C PRO A 387 9.35 18.93 -19.28
N GLY A 388 8.79 17.91 -19.92
CA GLY A 388 9.46 16.62 -20.01
C GLY A 388 8.70 15.67 -19.13
N GLU A 389 7.91 16.23 -18.22
CA GLU A 389 7.10 15.44 -17.32
C GLU A 389 6.00 14.72 -18.08
N ARG A 390 5.70 13.50 -17.63
CA ARG A 390 4.70 12.66 -18.26
C ARG A 390 3.29 13.00 -17.81
N VAL A 391 2.38 13.11 -18.77
CA VAL A 391 0.99 13.42 -18.45
C VAL A 391 0.07 12.29 -18.89
N ALA A 392 -0.77 11.84 -17.97
CA ALA A 392 -1.71 10.77 -18.24
C ALA A 392 -2.91 11.30 -19.03
N ILE A 393 -3.20 10.63 -20.13
CA ILE A 393 -4.31 11.03 -20.98
C ILE A 393 -5.40 9.97 -20.93
N SER A 394 -6.61 10.40 -20.60
CA SER A 394 -7.73 9.47 -20.48
C SER A 394 -8.96 9.94 -21.24
N ARG A 395 -9.48 9.07 -22.10
CA ARG A 395 -10.68 9.38 -22.89
C ARG A 395 -11.90 8.76 -22.20
N GLN A 396 -13.08 9.29 -22.49
CA GLN A 396 -14.30 8.79 -21.85
C GLN A 396 -14.74 7.37 -22.16
N ILE A 397 -15.36 7.16 -23.31
CA ILE A 397 -15.86 5.83 -23.67
C ILE A 397 -17.06 5.49 -22.80
N GLY A 398 -18.24 5.94 -23.22
CA GLY A 398 -19.45 5.67 -22.48
C GLY A 398 -19.67 6.63 -21.32
N SER A 399 -19.85 6.07 -20.13
CA SER A 399 -20.06 6.88 -18.94
C SER A 399 -18.76 7.04 -18.14
N ARG A 400 -17.88 6.06 -18.30
CA ARG A 400 -16.61 6.08 -17.58
C ARG A 400 -15.48 6.79 -18.31
N TRP A 401 -14.33 6.85 -17.65
CA TRP A 401 -13.13 7.46 -18.20
C TRP A 401 -12.10 6.35 -18.28
N ARG A 402 -11.62 6.09 -19.49
CA ARG A 402 -10.64 5.04 -19.69
C ARG A 402 -9.30 5.60 -20.14
N LEU A 403 -8.22 5.11 -19.51
CA LEU A 403 -6.87 5.55 -19.86
C LEU A 403 -6.53 4.96 -21.21
N ILE A 404 -6.22 5.81 -22.18
CA ILE A 404 -5.87 5.34 -23.51
C ILE A 404 -4.40 5.52 -23.84
N GLY A 405 -3.71 6.33 -23.04
CA GLY A 405 -2.30 6.56 -23.28
C GLY A 405 -1.75 7.68 -22.43
N TYR A 406 -0.61 8.22 -22.84
CA TYR A 406 0.01 9.30 -22.11
C TYR A 406 0.71 10.23 -23.09
N GLY A 407 0.96 11.46 -22.63
CA GLY A 407 1.63 12.43 -23.46
C GLY A 407 2.88 12.95 -22.79
N ILE A 408 3.77 13.53 -23.59
CA ILE A 408 5.01 14.08 -23.08
C ILE A 408 4.99 15.60 -23.24
N ILE A 409 5.08 16.32 -22.13
CA ILE A 409 5.05 17.77 -22.16
C ILE A 409 6.10 18.40 -23.06
N LYS A 410 5.63 19.09 -24.10
CA LYS A 410 6.53 19.77 -25.03
C LYS A 410 6.23 21.24 -24.86
N GLU A 411 7.04 22.09 -25.49
CA GLU A 411 6.82 23.53 -25.41
C GLU A 411 5.96 23.88 -26.61
N LEU A 412 5.16 24.93 -26.50
CA LEU A 412 4.30 25.33 -27.59
C LEU A 412 4.97 26.43 -28.43
N ILE B 3 19.69 -17.72 3.55
CA ILE B 3 18.95 -18.21 2.35
C ILE B 3 18.59 -17.05 1.41
N ASP B 4 19.27 -16.99 0.26
CA ASP B 4 19.07 -15.95 -0.73
C ASP B 4 17.70 -16.00 -1.43
N TYR B 5 17.23 -14.82 -1.82
CA TYR B 5 15.92 -14.66 -2.46
C TYR B 5 15.76 -15.23 -3.87
N TYR B 6 16.82 -15.81 -4.42
CA TYR B 6 16.73 -16.36 -5.77
C TYR B 6 16.61 -17.88 -5.83
N ASP B 7 16.67 -18.51 -4.66
CA ASP B 7 16.56 -19.95 -4.58
C ASP B 7 15.12 -20.32 -4.21
N TYR B 8 14.21 -20.05 -5.15
CA TYR B 8 12.79 -20.30 -4.99
C TYR B 8 12.46 -21.61 -4.28
N GLU B 9 13.17 -22.67 -4.63
CA GLU B 9 12.92 -23.95 -3.99
C GLU B 9 12.93 -23.88 -2.48
N LYS B 10 14.10 -23.62 -1.89
CA LYS B 10 14.16 -23.53 -0.44
C LYS B 10 13.08 -22.58 0.04
N LEU B 11 12.97 -21.43 -0.62
CA LEU B 11 11.95 -20.45 -0.27
C LEU B 11 10.57 -21.07 -0.23
N LEU B 12 10.33 -22.02 -1.12
CA LEU B 12 9.05 -22.67 -1.17
C LEU B 12 8.84 -23.55 0.06
N GLU B 13 9.84 -24.37 0.41
CA GLU B 13 9.71 -25.23 1.58
C GLU B 13 9.75 -24.40 2.85
N LYS B 14 10.41 -23.25 2.81
CA LYS B 14 10.44 -22.44 4.01
C LYS B 14 9.02 -21.93 4.20
N ALA B 15 8.34 -21.73 3.08
CA ALA B 15 6.99 -21.20 3.04
C ALA B 15 5.88 -22.14 3.44
N TYR B 16 6.18 -23.41 3.57
CA TYR B 16 5.18 -24.39 3.89
C TYR B 16 5.27 -24.93 5.29
N GLN B 17 6.29 -24.51 6.02
CA GLN B 17 6.43 -24.97 7.39
C GLN B 17 5.64 -23.97 8.21
N GLU B 18 5.64 -22.74 7.75
CA GLU B 18 4.89 -21.69 8.42
C GLU B 18 3.46 -21.99 8.04
N LEU B 19 3.27 -22.55 6.85
CA LEU B 19 1.94 -22.89 6.42
C LEU B 19 1.38 -23.82 7.51
N PRO B 20 0.22 -23.43 8.07
CA PRO B 20 -0.57 -24.07 9.11
C PRO B 20 -0.62 -25.61 9.04
N GLU B 21 -1.26 -26.26 9.99
CA GLU B 21 -1.33 -27.72 9.95
C GLU B 21 -2.46 -28.10 9.02
N ASN B 22 -3.68 -27.86 9.51
CA ASN B 22 -4.90 -28.13 8.78
C ASN B 22 -4.69 -27.96 7.27
N VAL B 23 -3.84 -27.02 6.87
CA VAL B 23 -3.59 -26.78 5.47
C VAL B 23 -2.24 -27.33 4.97
N LYS B 24 -1.21 -27.26 5.81
CA LYS B 24 0.12 -27.73 5.44
C LYS B 24 0.24 -29.19 5.02
N HIS B 25 -0.11 -30.11 5.92
CA HIS B 25 0.05 -31.52 5.61
C HIS B 25 -1.19 -32.40 5.46
N HIS B 26 -0.89 -33.66 5.12
CA HIS B 26 -1.83 -34.77 4.91
C HIS B 26 -3.21 -34.66 5.56
N LYS B 27 -3.27 -34.89 6.87
CA LYS B 27 -4.54 -34.80 7.58
C LYS B 27 -4.93 -33.34 7.64
N SER B 28 -6.00 -32.98 6.94
CA SER B 28 -6.40 -31.60 6.91
C SER B 28 -7.75 -31.20 7.47
N ARG B 29 -7.77 -30.57 8.63
CA ARG B 29 -9.03 -30.02 9.11
C ARG B 29 -8.83 -28.90 8.12
N PHE B 30 -9.84 -28.53 7.36
CA PHE B 30 -9.58 -27.48 6.38
C PHE B 30 -10.43 -26.25 6.54
N GLU B 31 -11.41 -26.37 7.43
CA GLU B 31 -12.38 -25.32 7.67
C GLU B 31 -11.91 -24.12 8.50
N VAL B 32 -10.61 -24.04 8.81
CA VAL B 32 -10.13 -22.91 9.60
C VAL B 32 -9.94 -21.65 8.77
N PRO B 33 -10.82 -20.66 8.94
CA PRO B 33 -10.71 -19.41 8.19
C PRO B 33 -9.65 -18.52 8.82
N GLY B 34 -8.80 -17.93 7.99
CA GLY B 34 -7.73 -17.08 8.47
C GLY B 34 -8.15 -15.93 9.37
N ALA B 35 -7.15 -15.37 10.05
CA ALA B 35 -7.38 -14.27 10.98
C ALA B 35 -7.91 -13.01 10.30
N LEU B 36 -8.84 -12.37 10.99
CA LEU B 36 -9.44 -11.12 10.53
C LEU B 36 -9.07 -10.15 11.65
N VAL B 37 -8.07 -9.32 11.42
CA VAL B 37 -7.64 -8.40 12.45
C VAL B 37 -7.91 -6.94 12.13
N THR B 38 -8.46 -6.24 13.12
CA THR B 38 -8.77 -4.82 12.99
C THR B 38 -8.10 -4.10 14.14
N ILE B 39 -7.14 -3.24 13.83
CA ILE B 39 -6.46 -2.49 14.86
C ILE B 39 -7.08 -1.11 14.89
N GLU B 40 -7.94 -0.86 15.87
CA GLU B 40 -8.62 0.42 16.01
C GLU B 40 -8.03 1.22 17.16
N GLY B 41 -7.76 2.50 16.91
CA GLY B 41 -7.18 3.35 17.93
C GLY B 41 -5.96 2.66 18.48
N ASN B 42 -6.04 2.24 19.75
CA ASN B 42 -4.93 1.56 20.39
C ASN B 42 -5.35 0.18 20.91
N LYS B 43 -6.13 -0.54 20.11
CA LYS B 43 -6.58 -1.88 20.48
C LYS B 43 -6.72 -2.76 19.26
N THR B 44 -6.36 -4.03 19.41
CA THR B 44 -6.45 -4.99 18.32
C THR B 44 -7.72 -5.83 18.50
N ILE B 45 -8.47 -6.01 17.42
CA ILE B 45 -9.70 -6.78 17.52
C ILE B 45 -9.85 -7.84 16.41
N ILE B 46 -9.94 -9.09 16.83
CA ILE B 46 -10.11 -10.19 15.90
C ILE B 46 -11.59 -10.54 16.04
N GLU B 47 -12.37 -10.05 15.08
CA GLU B 47 -13.81 -10.24 15.06
C GLU B 47 -14.23 -11.47 14.27
N ASN B 48 -13.28 -12.37 14.05
CA ASN B 48 -13.53 -13.60 13.31
C ASN B 48 -13.36 -14.77 14.26
N PHE B 49 -13.02 -14.44 15.51
CA PHE B 49 -12.78 -15.39 16.59
C PHE B 49 -13.70 -16.61 16.61
N LYS B 50 -14.99 -16.40 16.90
CA LYS B 50 -15.96 -17.50 16.96
C LYS B 50 -15.67 -18.49 15.85
N ASP B 51 -15.55 -17.97 14.64
CA ASP B 51 -15.29 -18.78 13.47
C ASP B 51 -14.11 -19.71 13.71
N ILE B 52 -13.02 -19.15 14.23
CA ILE B 52 -11.83 -19.94 14.50
C ILE B 52 -12.15 -21.07 15.49
N ALA B 53 -12.51 -20.69 16.72
CA ALA B 53 -12.84 -21.67 17.75
C ALA B 53 -13.85 -22.70 17.24
N ASP B 54 -15.00 -22.24 16.77
CA ASP B 54 -16.04 -23.12 16.25
C ASP B 54 -15.58 -24.00 15.10
N ALA B 55 -14.46 -23.63 14.48
CA ALA B 55 -13.93 -24.41 13.38
C ALA B 55 -12.96 -25.42 13.94
N LEU B 56 -12.33 -25.03 15.05
CA LEU B 56 -11.36 -25.88 15.74
C LEU B 56 -12.09 -26.76 16.74
N ASN B 57 -13.38 -26.53 16.87
CA ASN B 57 -14.21 -27.30 17.80
C ASN B 57 -13.64 -27.21 19.21
N ARG B 58 -13.15 -26.03 19.55
CA ARG B 58 -12.59 -25.78 20.87
C ARG B 58 -13.41 -24.69 21.51
N ASP B 59 -13.35 -24.60 22.84
CA ASP B 59 -14.09 -23.59 23.57
C ASP B 59 -13.72 -22.20 23.05
N PRO B 60 -14.49 -21.18 23.44
CA PRO B 60 -14.22 -19.81 23.01
C PRO B 60 -13.15 -19.19 23.91
N GLN B 61 -13.34 -19.33 25.21
CA GLN B 61 -12.42 -18.78 26.20
C GLN B 61 -11.17 -19.60 26.40
N HIS B 62 -11.16 -20.82 25.87
CA HIS B 62 -9.98 -21.64 26.02
C HIS B 62 -8.89 -21.06 25.13
N LEU B 63 -9.33 -20.37 24.08
CA LEU B 63 -8.39 -19.76 23.15
C LEU B 63 -8.07 -18.34 23.56
N LEU B 64 -9.07 -17.61 24.06
CA LEU B 64 -8.84 -16.24 24.51
C LEU B 64 -7.64 -16.30 25.45
N LYS B 65 -7.61 -17.34 26.27
CA LYS B 65 -6.53 -17.53 27.22
C LYS B 65 -5.19 -17.87 26.59
N PHE B 66 -5.15 -18.93 25.77
CA PHE B 66 -3.91 -19.32 25.13
C PHE B 66 -3.20 -18.13 24.51
N LEU B 67 -3.99 -17.15 24.06
CA LEU B 67 -3.44 -15.94 23.46
C LEU B 67 -2.83 -15.05 24.52
N LEU B 68 -3.68 -14.49 25.37
CA LEU B 68 -3.22 -13.62 26.44
C LEU B 68 -2.02 -14.24 27.15
N ARG B 69 -1.80 -15.53 26.90
CA ARG B 69 -0.65 -16.22 27.50
C ARG B 69 0.55 -15.94 26.62
N GLU B 70 0.49 -16.42 25.39
CA GLU B 70 1.56 -16.23 24.42
C GLU B 70 1.79 -14.75 24.16
N ILE B 71 0.78 -13.95 24.45
CA ILE B 71 0.84 -12.51 24.28
C ILE B 71 0.67 -11.91 25.68
N ALA B 72 1.02 -10.63 25.85
CA ALA B 72 0.87 -10.01 27.15
C ALA B 72 -0.08 -8.83 27.12
N THR B 73 -1.35 -9.11 26.84
CA THR B 73 -2.38 -8.08 26.80
C THR B 73 -3.60 -8.62 27.51
N ALA B 74 -4.67 -7.85 27.51
CA ALA B 74 -5.90 -8.27 28.14
C ALA B 74 -7.03 -8.14 27.14
N GLY B 75 -7.92 -9.12 27.12
CA GLY B 75 -9.02 -9.08 26.20
C GLY B 75 -10.26 -9.76 26.73
N THR B 76 -11.40 -9.39 26.16
CA THR B 76 -12.68 -9.95 26.55
C THR B 76 -13.35 -10.44 25.28
N LEU B 77 -14.10 -11.52 25.37
CA LEU B 77 -14.80 -12.01 24.19
C LEU B 77 -16.19 -11.41 24.20
N GLU B 78 -16.83 -11.37 23.04
CA GLU B 78 -18.16 -10.81 22.93
C GLU B 78 -18.70 -11.12 21.55
N GLY B 79 -20.01 -11.34 21.45
CA GLY B 79 -20.64 -11.64 20.18
C GLY B 79 -19.73 -12.02 19.02
N ARG B 80 -18.97 -13.10 19.19
CA ARG B 80 -18.05 -13.61 18.15
C ARG B 80 -16.84 -12.77 17.80
N ARG B 81 -16.43 -11.88 18.70
CA ARG B 81 -15.27 -11.00 18.45
C ARG B 81 -14.41 -10.99 19.71
N VAL B 82 -13.24 -10.36 19.62
CA VAL B 82 -12.34 -10.27 20.76
C VAL B 82 -11.57 -8.96 20.78
N VAL B 83 -11.51 -8.33 21.95
CA VAL B 83 -10.81 -7.08 22.11
C VAL B 83 -9.46 -7.29 22.78
N LEU B 84 -8.40 -6.86 22.12
CA LEU B 84 -7.05 -6.98 22.66
C LEU B 84 -6.60 -5.57 23.03
N GLN B 85 -6.02 -5.42 24.22
CA GLN B 85 -5.59 -4.13 24.73
C GLN B 85 -4.45 -3.35 24.07
N GLY B 86 -3.79 -3.93 23.08
CA GLY B 86 -2.71 -3.22 22.43
C GLY B 86 -2.77 -3.28 20.92
N ARG B 87 -1.61 -3.26 20.29
CA ARG B 87 -1.53 -3.33 18.85
C ARG B 87 -0.80 -4.59 18.43
N PHE B 88 -1.42 -5.35 17.54
CA PHE B 88 -0.82 -6.59 17.09
C PHE B 88 -1.11 -6.84 15.62
N THR B 89 -0.05 -7.02 14.85
CA THR B 89 -0.19 -7.27 13.42
C THR B 89 -0.85 -8.61 13.17
N PRO B 90 -1.70 -8.69 12.14
CA PRO B 90 -2.43 -9.90 11.76
C PRO B 90 -1.59 -11.18 11.78
N TYR B 91 -0.29 -11.05 11.56
CA TYR B 91 0.60 -12.21 11.55
C TYR B 91 1.04 -12.62 12.95
N LEU B 92 1.21 -11.65 13.83
CA LEU B 92 1.60 -11.96 15.20
C LEU B 92 0.54 -12.93 15.70
N ILE B 93 -0.72 -12.50 15.60
CA ILE B 93 -1.83 -13.33 16.01
C ILE B 93 -1.85 -14.58 15.14
N ALA B 94 -1.68 -14.39 13.84
CA ALA B 94 -1.67 -15.50 12.89
C ALA B 94 -0.70 -16.59 13.30
N ASN B 95 0.40 -16.19 13.94
CA ASN B 95 1.41 -17.13 14.38
C ASN B 95 1.06 -17.86 15.68
N LYS B 96 0.25 -17.22 16.51
CA LYS B 96 -0.14 -17.81 17.79
C LYS B 96 -1.26 -18.83 17.62
N LEU B 97 -2.18 -18.58 16.70
CA LEU B 97 -3.26 -19.52 16.47
C LEU B 97 -2.61 -20.79 15.94
N LYS B 98 -1.61 -20.60 15.08
CA LYS B 98 -0.88 -21.71 14.50
C LYS B 98 -0.38 -22.66 15.58
N LYS B 99 0.18 -22.08 16.64
CA LYS B 99 0.71 -22.87 17.75
C LYS B 99 -0.39 -23.55 18.54
N TYR B 100 -1.52 -22.87 18.70
CA TYR B 100 -2.64 -23.44 19.44
C TYR B 100 -3.07 -24.73 18.76
N ILE B 101 -3.41 -24.63 17.49
CA ILE B 101 -3.83 -25.79 16.71
C ILE B 101 -2.83 -26.91 16.89
N LYS B 102 -1.56 -26.55 17.01
CA LYS B 102 -0.48 -27.52 17.16
C LYS B 102 -0.38 -28.23 18.50
N GLU B 103 -0.60 -27.52 19.60
CA GLU B 103 -0.51 -28.16 20.90
C GLU B 103 -1.82 -28.24 21.68
N TYR B 104 -2.94 -28.03 21.00
CA TYR B 104 -4.25 -28.08 21.66
C TYR B 104 -5.37 -28.60 20.76
N VAL B 105 -5.07 -28.83 19.48
CA VAL B 105 -6.11 -29.29 18.57
C VAL B 105 -5.67 -30.41 17.65
N ILE B 106 -4.41 -30.83 17.74
CA ILE B 106 -3.93 -31.91 16.90
C ILE B 106 -3.26 -33.03 17.68
N CYS B 107 -3.47 -34.26 17.20
CA CYS B 107 -2.90 -35.45 17.81
C CYS B 107 -1.51 -35.72 17.24
N PRO B 108 -0.47 -35.67 18.09
CA PRO B 108 0.93 -35.90 17.70
C PRO B 108 1.32 -37.32 17.26
N VAL B 109 0.49 -38.32 17.58
CA VAL B 109 0.77 -39.69 17.17
C VAL B 109 0.06 -39.95 15.85
N CYS B 110 -1.23 -39.62 15.81
CA CYS B 110 -2.01 -39.75 14.59
C CYS B 110 -2.71 -38.40 14.42
N GLY B 111 -2.09 -37.53 13.63
CA GLY B 111 -2.65 -36.21 13.40
C GLY B 111 -4.14 -36.25 13.13
N SER B 112 -4.92 -35.60 13.98
CA SER B 112 -6.36 -35.59 13.81
C SER B 112 -7.01 -34.37 14.45
N PRO B 113 -7.73 -33.57 13.66
CA PRO B 113 -8.40 -32.38 14.17
C PRO B 113 -9.43 -32.83 15.20
N ASP B 114 -9.65 -34.13 15.22
CA ASP B 114 -10.62 -34.75 16.10
C ASP B 114 -10.20 -34.85 17.56
N THR B 115 -9.07 -34.27 17.92
CA THR B 115 -8.66 -34.32 19.32
C THR B 115 -9.69 -33.49 20.07
N LYS B 116 -9.88 -33.79 21.34
CA LYS B 116 -10.86 -33.08 22.14
C LYS B 116 -10.31 -32.91 23.54
N ILE B 117 -10.70 -31.82 24.20
CA ILE B 117 -10.22 -31.56 25.55
C ILE B 117 -10.93 -32.43 26.59
N ILE B 118 -10.17 -33.26 27.29
CA ILE B 118 -10.76 -34.10 28.32
C ILE B 118 -10.14 -33.77 29.67
N LYS B 119 -10.78 -34.24 30.73
CA LYS B 119 -10.35 -34.01 32.10
C LYS B 119 -10.65 -35.27 32.92
N ARG B 120 -9.63 -36.05 33.28
CA ARG B 120 -9.85 -37.26 34.06
C ARG B 120 -9.25 -37.20 35.46
N ASP B 121 -8.78 -36.03 35.84
CA ASP B 121 -8.18 -35.79 37.16
C ASP B 121 -8.00 -34.29 37.15
N ARG B 122 -7.44 -33.71 38.20
CA ARG B 122 -7.25 -32.26 38.17
C ARG B 122 -6.27 -31.95 37.05
N PHE B 123 -5.75 -33.01 36.45
CA PHE B 123 -4.81 -32.92 35.34
C PHE B 123 -5.53 -32.87 34.01
N HIS B 124 -5.13 -31.95 33.15
CA HIS B 124 -5.75 -31.83 31.84
C HIS B 124 -5.10 -32.72 30.79
N PHE B 125 -5.50 -33.99 30.71
CA PHE B 125 -5.00 -34.85 29.65
C PHE B 125 -6.16 -34.63 28.71
N LEU B 126 -5.89 -34.18 27.49
CA LEU B 126 -7.00 -33.97 26.55
C LEU B 126 -6.59 -34.75 25.33
N LYS B 127 -7.55 -35.26 24.55
CA LYS B 127 -7.27 -35.95 23.30
C LYS B 127 -8.07 -37.02 22.58
N CYS B 128 -7.60 -37.20 21.35
CA CYS B 128 -8.05 -38.11 20.30
C CYS B 128 -9.23 -39.06 20.43
N GLU B 129 -10.21 -38.84 19.56
CA GLU B 129 -11.42 -39.65 19.48
C GLU B 129 -11.27 -40.68 18.35
N ALA B 130 -10.18 -40.57 17.60
CA ALA B 130 -9.92 -41.47 16.49
C ALA B 130 -8.91 -42.56 16.84
N CYS B 131 -7.76 -42.18 17.39
CA CYS B 131 -6.74 -43.15 17.77
C CYS B 131 -6.85 -43.57 19.23
N GLY B 132 -7.20 -42.62 20.09
CA GLY B 132 -7.33 -42.93 21.50
C GLY B 132 -6.18 -42.46 22.37
N ALA B 133 -5.14 -41.91 21.74
CA ALA B 133 -3.99 -41.41 22.49
C ALA B 133 -4.46 -40.25 23.35
N GLU B 134 -4.06 -40.25 24.63
CA GLU B 134 -4.47 -39.19 25.53
C GLU B 134 -3.29 -38.36 26.01
N THR B 135 -2.76 -37.52 25.13
CA THR B 135 -1.64 -36.67 25.48
C THR B 135 -2.01 -35.76 26.63
N PRO B 136 -1.03 -35.42 27.49
CA PRO B 136 -1.26 -34.55 28.64
C PRO B 136 -1.06 -33.13 28.15
N ILE B 137 -2.15 -32.45 27.78
CA ILE B 137 -1.95 -31.12 27.27
C ILE B 137 -2.30 -29.92 28.13
N GLN B 138 -1.23 -29.22 28.47
CA GLN B 138 -1.20 -27.98 29.23
C GLN B 138 0.05 -27.40 28.58
N HIS B 139 0.44 -28.11 27.52
CA HIS B 139 1.57 -27.82 26.64
C HIS B 139 1.76 -29.00 25.68
MG MG C . -8.45 -3.29 -3.25
ZN ZN D . 12.14 -13.12 16.99
PB GDP E . -6.98 -7.02 -4.30
O1B GDP E . -8.13 -7.19 -5.10
O2B GDP E . -5.63 -6.97 -5.27
O3B GDP E . -7.30 -5.73 -3.50
O3A GDP E . -7.00 -8.27 -3.53
PA GDP E . -7.57 -8.55 -2.13
O1A GDP E . -7.13 -8.05 -0.81
O2A GDP E . -9.14 -8.29 -2.25
O5' GDP E . -7.32 -10.14 -2.41
C5' GDP E . -8.35 -10.55 -1.61
C4' GDP E . -8.73 -11.94 -1.71
O4' GDP E . -7.56 -12.81 -1.75
C3' GDP E . -9.37 -11.98 -0.42
O3' GDP E . -10.48 -12.88 -0.30
C2' GDP E . -8.16 -12.26 0.48
O2' GDP E . -8.44 -12.54 1.82
C1' GDP E . -7.47 -13.35 -0.40
N9 GDP E . -6.07 -13.51 -0.04
C8 GDP E . -5.08 -12.53 0.03
N7 GDP E . -3.93 -13.05 0.40
C5 GDP E . -4.16 -14.39 0.58
C6 GDP E . -3.30 -15.46 1.01
O6 GDP E . -2.13 -15.35 1.28
N1 GDP E . -3.91 -16.72 1.08
C2 GDP E . -5.22 -16.91 0.79
N2 GDP E . -5.78 -18.16 0.87
N3 GDP E . -6.00 -15.91 0.42
C4 GDP E . -5.50 -14.66 0.31
ZN ZN F . -4.75 -39.43 17.52
#